data_8I2N
#
_entry.id   8I2N
#
_cell.length_a   46.510
_cell.length_b   98.742
_cell.length_c   128.129
_cell.angle_alpha   90.000
_cell.angle_beta   90.000
_cell.angle_gamma   90.000
#
_symmetry.space_group_name_H-M   'P 21 21 21'
#
loop_
_entity.id
_entity.type
_entity.pdbx_description
1 polymer 'Receptor-interacting serine/threonine-protein kinase 1'
2 non-polymer ~{N}-methyl-1-[4-[[[1-methyl-5-(phenylmethyl)pyrazol-3-yl]carbonylamino]methyl]phenyl]benzimidazole-5-carboxamide
3 water water
#
_entity_poly.entity_id   1
_entity_poly.type   'polypeptide(L)'
_entity_poly.pdbx_seq_one_letter_code
;MQPDMSLNVIKMKSSDFLESAELDSGGFGKVSLAFHRTQGLMIMKTVYKGPNCIEHNEALLEEAKMMNRLRHSRVVKLLG
VIIEEGKYSLVMEYMEKGNLMHVLKAEMSTPLSVKGRIILEIIEGMAYLHGKGVIHKDLKPENILVDNDFHIKIADLGLA
SFKMWSKLNNEEHNELREVDGTAKKNGGTLYYMAPEHLNDVNAKPTEKSDVYSFAVVLWAIFANKEPYENAIAEQQLIMA
IKSGNRPDVDDITEYCPREIISLMKLCWEANPEARPTFPGIEEKFRPFYLSQLE
;
_entity_poly.pdbx_strand_id   A,B
#
loop_
_chem_comp.id
_chem_comp.type
_chem_comp.name
_chem_comp.formula
O4U non-polymer ~{N}-methyl-1-[4-[[[1-methyl-5-(phenylmethyl)pyrazol-3-yl]carbonylamino]methyl]phenyl]benzimidazole-5-carboxamide 'C28 H26 N6 O2'
#
# COMPACT_ATOMS: atom_id res chain seq x y z
N LEU A 7 13.03 9.59 -9.25
CA LEU A 7 12.63 8.73 -8.14
C LEU A 7 13.25 9.18 -6.83
N ASN A 8 14.41 9.81 -6.91
CA ASN A 8 15.10 10.26 -5.71
C ASN A 8 14.93 11.75 -5.48
N VAL A 9 15.47 12.23 -4.37
CA VAL A 9 15.38 13.64 -4.07
C VAL A 9 16.38 14.41 -4.89
N ILE A 10 15.89 15.43 -5.58
CA ILE A 10 16.74 16.20 -6.47
C ILE A 10 17.14 17.49 -5.79
N LYS A 11 18.40 17.88 -5.95
CA LYS A 11 18.86 19.16 -5.39
C LYS A 11 18.39 20.17 -6.41
N MET A 12 17.45 21.04 -6.05
CA MET A 12 16.99 22.08 -6.96
C MET A 12 17.61 23.42 -6.62
N LYS A 13 17.62 24.32 -7.61
CA LYS A 13 18.05 25.70 -7.41
C LYS A 13 16.87 26.64 -7.42
N SER A 14 16.94 27.66 -6.57
CA SER A 14 15.92 28.70 -6.55
C SER A 14 15.77 29.39 -7.91
N SER A 15 16.85 29.48 -8.69
CA SER A 15 16.77 30.08 -10.02
C SER A 15 15.87 29.28 -10.97
N ASP A 16 15.47 28.07 -10.64
CA ASP A 16 14.70 27.28 -11.58
C ASP A 16 13.22 27.50 -11.43
N PHE A 17 12.84 28.45 -10.59
CA PHE A 17 11.42 28.65 -10.31
C PHE A 17 10.85 30.07 -10.39
N LEU A 18 9.52 30.18 -10.38
CA LEU A 18 8.84 31.46 -10.32
C LEU A 18 7.65 31.08 -9.42
N GLU A 19 7.19 31.94 -8.51
CA GLU A 19 6.16 31.50 -7.50
C GLU A 19 4.92 32.36 -7.12
N SER A 20 4.09 31.87 -6.18
CA SER A 20 2.86 32.56 -5.73
C SER A 20 2.33 32.09 -4.35
N ALA A 21 1.94 32.98 -3.44
CA ALA A 21 1.57 32.59 -2.03
C ALA A 21 0.31 31.75 -1.77
N GLU A 22 0.17 31.23 -0.55
CA GLU A 22 -0.96 30.33 -0.24
C GLU A 22 -1.19 30.03 1.26
N LEU A 23 -2.39 29.54 1.63
CA LEU A 23 -2.75 29.28 3.03
C LEU A 23 -2.58 27.84 3.47
N ASP A 24 -1.72 27.63 4.48
CA ASP A 24 -1.41 26.29 4.94
C ASP A 24 -0.74 26.34 6.31
N SER A 25 -0.63 25.21 7.01
CA SER A 25 0.02 25.16 8.32
C SER A 25 1.25 26.06 8.34
N LYS A 30 6.09 30.21 3.74
CA LYS A 30 4.81 29.55 3.66
C LYS A 30 4.76 28.70 2.43
N VAL A 31 3.57 28.27 2.07
CA VAL A 31 3.42 27.46 0.89
C VAL A 31 3.12 28.37 -0.28
N SER A 32 3.85 28.16 -1.36
CA SER A 32 3.63 28.94 -2.53
C SER A 32 3.74 28.01 -3.68
N LEU A 33 2.79 28.06 -4.61
CA LEU A 33 2.96 27.24 -5.79
C LEU A 33 4.08 27.84 -6.66
N ALA A 34 4.86 26.95 -7.27
CA ALA A 34 5.99 27.31 -8.11
C ALA A 34 5.95 26.55 -9.43
N PHE A 35 6.25 27.25 -10.51
CA PHE A 35 6.41 26.66 -11.82
C PHE A 35 7.90 26.40 -12.07
N HIS A 36 8.30 25.13 -12.21
CA HIS A 36 9.70 24.89 -12.45
C HIS A 36 9.91 25.05 -13.95
N ARG A 37 11.03 25.72 -14.30
CA ARG A 37 11.32 26.10 -15.69
C ARG A 37 11.12 24.97 -16.69
N THR A 38 11.48 23.74 -16.31
CA THR A 38 11.47 22.62 -17.23
C THR A 38 10.59 21.46 -16.79
N GLN A 39 10.18 21.42 -15.52
CA GLN A 39 9.51 20.27 -14.92
C GLN A 39 8.06 20.56 -14.53
N GLY A 40 7.61 21.80 -14.71
CA GLY A 40 6.25 22.30 -14.46
C GLY A 40 5.87 22.69 -13.04
N LEU A 41 4.59 22.51 -12.70
CA LEU A 41 4.02 23.03 -11.44
C LEU A 41 4.43 22.22 -10.21
N MET A 42 4.81 22.93 -9.15
CA MET A 42 5.23 22.32 -7.90
C MET A 42 4.82 23.21 -6.72
N ILE A 43 4.78 22.65 -5.52
CA ILE A 43 4.66 23.42 -4.28
C ILE A 43 6.04 23.53 -3.66
N MET A 44 6.40 24.74 -3.32
CA MET A 44 7.57 25.10 -2.54
C MET A 44 7.25 25.56 -1.14
N LYS A 45 7.70 24.80 -0.15
CA LYS A 45 7.58 25.26 1.22
C LYS A 45 8.95 25.73 1.66
N THR A 46 9.09 27.06 1.81
CA THR A 46 10.32 27.66 2.29
C THR A 46 10.33 27.67 3.81
N VAL A 47 11.29 26.95 4.37
CA VAL A 47 11.38 26.72 5.80
C VAL A 47 12.30 27.76 6.44
N TYR A 48 13.30 28.25 5.71
CA TYR A 48 14.22 29.24 6.25
C TYR A 48 14.75 30.16 5.16
N LYS A 49 14.75 31.45 5.44
CA LYS A 49 15.29 32.42 4.52
C LYS A 49 16.02 33.36 5.41
N GLY A 50 17.33 33.22 5.48
CA GLY A 50 18.05 34.02 6.43
C GLY A 50 19.37 34.60 6.06
N PRO A 51 20.02 35.22 7.03
CA PRO A 51 21.25 35.92 6.74
C PRO A 51 22.39 35.11 7.21
N ASN A 52 22.13 33.85 7.48
CA ASN A 52 23.17 33.06 8.06
C ASN A 52 23.42 31.85 7.24
N CYS A 53 24.51 31.86 6.49
CA CYS A 53 24.82 30.66 5.79
C CYS A 53 24.87 29.62 6.88
N ILE A 54 24.14 28.55 6.68
CA ILE A 54 24.14 27.48 7.66
C ILE A 54 25.04 26.39 7.11
N GLU A 55 25.59 25.60 7.98
CA GLU A 55 26.54 24.54 7.61
C GLU A 55 26.06 23.09 7.63
N HIS A 56 25.01 22.70 8.34
CA HIS A 56 24.70 21.26 8.38
C HIS A 56 23.71 20.84 7.29
N ASN A 57 24.17 21.12 6.08
CA ASN A 57 23.42 20.89 4.86
C ASN A 57 23.13 19.39 4.68
N GLU A 58 24.14 18.55 4.95
CA GLU A 58 24.00 17.09 4.83
C GLU A 58 22.96 16.50 5.79
N ALA A 59 22.89 16.96 7.03
CA ALA A 59 21.85 16.42 7.90
C ALA A 59 20.46 16.74 7.32
N LEU A 60 20.26 17.97 6.84
CA LEU A 60 18.98 18.32 6.18
C LEU A 60 18.72 17.49 4.91
N LEU A 61 19.76 17.27 4.08
CA LEU A 61 19.61 16.49 2.85
C LEU A 61 19.36 15.00 3.09
N GLU A 62 20.07 14.40 4.04
CA GLU A 62 19.82 13.01 4.43
C GLU A 62 18.44 12.81 5.03
N GLU A 63 18.00 13.72 5.88
CA GLU A 63 16.64 13.59 6.38
C GLU A 63 15.60 13.67 5.26
N ALA A 64 15.76 14.56 4.28
CA ALA A 64 14.81 14.56 3.17
C ALA A 64 14.86 13.27 2.35
N LYS A 65 16.06 12.71 2.16
CA LYS A 65 16.21 11.40 1.52
C LYS A 65 15.51 10.32 2.34
N MET A 66 15.64 10.39 3.67
CA MET A 66 14.95 9.44 4.55
C MET A 66 13.43 9.58 4.52
N MET A 67 12.93 10.82 4.51
CA MET A 67 11.50 11.08 4.31
C MET A 67 11.03 10.56 2.96
N ASN A 68 11.83 10.78 1.93
CA ASN A 68 11.54 10.36 0.58
C ASN A 68 11.40 8.82 0.48
N ARG A 69 11.82 8.11 1.50
CA ARG A 69 11.68 6.68 1.49
C ARG A 69 10.26 6.28 1.73
N LEU A 70 9.47 7.13 2.37
CA LEU A 70 8.05 6.80 2.48
C LEU A 70 7.48 7.04 1.08
N ARG A 71 7.35 5.95 0.34
CA ARG A 71 6.80 6.02 -0.99
C ARG A 71 5.58 5.11 -1.14
N HIS A 72 4.42 5.70 -1.30
CA HIS A 72 3.17 5.02 -1.49
C HIS A 72 2.27 5.93 -2.31
N SER A 73 1.32 5.32 -3.03
CA SER A 73 0.39 6.07 -3.87
C SER A 73 -0.45 7.06 -3.07
N ARG A 74 -0.64 6.81 -1.77
CA ARG A 74 -1.46 7.63 -0.88
C ARG A 74 -0.67 8.49 0.11
N VAL A 75 0.62 8.75 -0.17
CA VAL A 75 1.47 9.57 0.68
C VAL A 75 2.08 10.62 -0.25
N VAL A 76 2.06 11.91 0.16
CA VAL A 76 2.63 12.98 -0.67
C VAL A 76 4.13 12.81 -0.94
N LYS A 77 4.50 12.86 -2.23
CA LYS A 77 5.90 12.78 -2.65
C LYS A 77 6.64 14.12 -2.59
N LEU A 78 7.74 14.13 -1.85
CA LEU A 78 8.78 15.15 -1.96
C LEU A 78 9.54 15.02 -3.28
N LEU A 79 9.53 16.07 -4.11
CA LEU A 79 10.21 16.12 -5.41
C LEU A 79 11.63 16.64 -5.31
N GLY A 80 11.87 17.57 -4.42
CA GLY A 80 13.25 18.02 -4.31
C GLY A 80 13.42 18.93 -3.12
N VAL A 81 14.65 19.43 -3.00
CA VAL A 81 15.02 20.37 -1.94
C VAL A 81 15.90 21.48 -2.48
N ILE A 82 15.80 22.65 -1.85
CA ILE A 82 16.67 23.78 -2.16
C ILE A 82 17.48 23.98 -0.87
N ILE A 83 18.77 23.81 -1.02
CA ILE A 83 19.65 23.99 0.10
C ILE A 83 20.69 24.94 -0.40
N GLU A 84 20.62 26.19 0.02
CA GLU A 84 21.57 27.18 -0.43
C GLU A 84 21.83 28.22 0.63
N GLU A 85 22.59 29.24 0.30
CA GLU A 85 22.94 30.23 1.27
C GLU A 85 21.72 30.96 1.72
N GLY A 86 21.37 30.82 2.98
CA GLY A 86 20.20 31.48 3.51
C GLY A 86 18.85 31.10 2.96
N LYS A 87 18.77 30.08 2.12
CA LYS A 87 17.47 29.63 1.64
C LYS A 87 17.36 28.12 1.65
N TYR A 88 16.39 27.61 2.40
CA TYR A 88 16.17 26.18 2.48
C TYR A 88 14.71 25.92 2.22
N SER A 89 14.41 25.14 1.21
CA SER A 89 13.02 24.90 0.82
C SER A 89 12.77 23.43 0.51
N LEU A 90 11.58 22.94 0.88
CA LEU A 90 11.11 21.61 0.47
C LEU A 90 10.24 21.83 -0.77
N VAL A 91 10.48 21.05 -1.82
CA VAL A 91 9.68 21.10 -3.04
C VAL A 91 8.83 19.84 -3.19
N MET A 92 7.51 20.00 -3.26
CA MET A 92 6.62 18.84 -3.24
C MET A 92 5.70 18.86 -4.45
N GLU A 93 5.12 17.70 -4.76
CA GLU A 93 4.10 17.64 -5.80
C GLU A 93 2.89 18.48 -5.44
N TYR A 94 2.26 19.05 -6.45
CA TYR A 94 1.05 19.81 -6.19
C TYR A 94 -0.17 18.91 -6.23
N MET A 95 -1.06 19.13 -5.26
CA MET A 95 -2.32 18.39 -5.14
C MET A 95 -3.33 19.51 -5.36
N GLU A 96 -4.03 19.41 -6.50
CA GLU A 96 -4.67 20.55 -7.15
C GLU A 96 -5.94 21.03 -6.46
N LYS A 97 -6.62 20.16 -5.73
CA LYS A 97 -7.86 20.48 -5.02
C LYS A 97 -7.63 20.91 -3.59
N GLY A 98 -6.39 20.96 -3.15
CA GLY A 98 -6.12 21.33 -1.79
C GLY A 98 -6.47 20.20 -0.84
N ASN A 99 -6.92 20.58 0.34
CA ASN A 99 -7.24 19.68 1.44
C ASN A 99 -8.67 19.17 1.33
N LEU A 100 -8.92 18.08 2.06
CA LEU A 100 -10.20 17.38 1.98
C LEU A 100 -11.37 18.24 2.44
N MET A 101 -11.20 19.11 3.43
CA MET A 101 -12.28 20.01 3.84
C MET A 101 -12.71 20.95 2.70
N HIS A 102 -11.75 21.46 1.91
CA HIS A 102 -12.09 22.30 0.77
C HIS A 102 -12.92 21.54 -0.25
N VAL A 103 -12.58 20.28 -0.49
CA VAL A 103 -13.39 19.47 -1.39
C VAL A 103 -14.78 19.21 -0.83
N LEU A 104 -14.89 19.01 0.46
CA LEU A 104 -16.17 18.68 1.05
C LEU A 104 -17.12 19.88 1.16
N LYS A 105 -16.59 21.07 1.32
CA LYS A 105 -17.41 22.25 1.47
C LYS A 105 -17.68 22.93 0.15
N ALA A 106 -17.24 22.33 -0.94
CA ALA A 106 -17.43 22.90 -2.25
C ALA A 106 -18.89 22.85 -2.68
N GLU A 107 -19.26 23.68 -3.63
CA GLU A 107 -20.64 23.75 -4.09
C GLU A 107 -21.11 22.45 -4.69
N MET A 108 -20.28 21.83 -5.51
CA MET A 108 -20.62 20.52 -6.03
C MET A 108 -20.44 19.50 -4.92
N SER A 109 -21.38 18.58 -4.80
CA SER A 109 -21.33 17.60 -3.75
C SER A 109 -20.56 16.38 -4.19
N THR A 110 -19.80 15.81 -3.27
CA THR A 110 -19.06 14.58 -3.61
C THR A 110 -20.00 13.37 -3.50
N PRO A 111 -20.15 12.58 -4.56
CA PRO A 111 -20.99 11.38 -4.52
C PRO A 111 -20.55 10.38 -3.46
N LEU A 112 -21.49 9.57 -2.99
CA LEU A 112 -21.16 8.59 -1.96
C LEU A 112 -20.05 7.65 -2.41
N SER A 113 -20.05 7.23 -3.69
CA SER A 113 -19.01 6.34 -4.20
C SER A 113 -17.61 6.96 -4.07
N VAL A 114 -17.47 8.26 -4.39
CA VAL A 114 -16.17 8.93 -4.28
C VAL A 114 -15.74 9.11 -2.83
N LYS A 115 -16.67 9.48 -1.94
CA LYS A 115 -16.40 9.48 -0.50
C LYS A 115 -15.96 8.12 0.00
N GLY A 116 -16.62 7.05 -0.45
CA GLY A 116 -16.19 5.71 -0.08
C GLY A 116 -14.77 5.40 -0.48
N ARG A 117 -14.40 5.76 -1.70
CA ARG A 117 -13.04 5.57 -2.19
C ARG A 117 -12.03 6.38 -1.37
N ILE A 118 -12.35 7.66 -1.10
CA ILE A 118 -11.50 8.51 -0.25
C ILE A 118 -11.23 7.85 1.10
N ILE A 119 -12.27 7.29 1.74
CA ILE A 119 -12.08 6.61 3.03
C ILE A 119 -11.13 5.43 2.87
N LEU A 120 -11.37 4.58 1.85
CA LEU A 120 -10.48 3.45 1.60
C LEU A 120 -9.04 3.91 1.40
N GLU A 121 -8.81 4.98 0.61
CA GLU A 121 -7.47 5.47 0.35
C GLU A 121 -6.80 6.06 1.58
N ILE A 122 -7.56 6.71 2.47
CA ILE A 122 -7.00 7.13 3.77
C ILE A 122 -6.59 5.91 4.57
N ILE A 123 -7.42 4.87 4.58
CA ILE A 123 -7.07 3.65 5.28
C ILE A 123 -5.78 3.05 4.74
N GLU A 124 -5.66 2.94 3.40
CA GLU A 124 -4.44 2.39 2.78
C GLU A 124 -3.20 3.22 3.10
N GLY A 125 -3.31 4.54 3.03
CA GLY A 125 -2.19 5.40 3.40
C GLY A 125 -1.76 5.25 4.86
N MET A 126 -2.74 5.15 5.76
CA MET A 126 -2.40 5.01 7.17
C MET A 126 -1.81 3.65 7.48
N ALA A 127 -2.36 2.58 6.89
CA ALA A 127 -1.81 1.25 7.13
C ALA A 127 -0.38 1.21 6.60
N TYR A 128 -0.14 1.91 5.48
CA TYR A 128 1.23 1.93 4.94
C TYR A 128 2.17 2.64 5.92
N LEU A 129 1.75 3.81 6.44
CA LEU A 129 2.60 4.55 7.35
C LEU A 129 2.86 3.77 8.63
N HIS A 130 1.81 3.19 9.22
CA HIS A 130 2.01 2.36 10.41
C HIS A 130 2.86 1.13 10.11
N GLY A 131 2.68 0.52 8.94
CA GLY A 131 3.57 -0.56 8.53
C GLY A 131 5.03 -0.16 8.38
N LYS A 132 5.33 1.13 8.23
CA LYS A 132 6.69 1.65 8.26
C LYS A 132 7.15 2.12 9.63
N GLY A 133 6.33 1.92 10.65
CA GLY A 133 6.65 2.41 11.99
C GLY A 133 6.53 3.89 12.17
N VAL A 134 5.76 4.56 11.30
CA VAL A 134 5.55 6.00 11.37
C VAL A 134 4.20 6.23 12.02
N ILE A 135 4.19 6.98 13.11
CA ILE A 135 2.94 7.36 13.74
C ILE A 135 2.69 8.81 13.36
N HIS A 136 1.60 9.07 12.67
CA HIS A 136 1.22 10.43 12.33
C HIS A 136 0.74 10.92 13.63
N LYS A 137 0.83 12.19 13.93
CA LYS A 137 0.25 12.59 15.20
C LYS A 137 -0.81 13.67 15.01
N ASP A 138 -1.03 14.06 13.77
CA ASP A 138 -1.99 15.10 13.48
C ASP A 138 -2.79 14.79 12.24
N LEU A 139 -3.42 13.64 12.22
CA LEU A 139 -4.28 13.30 11.13
C LEU A 139 -5.54 14.12 11.21
N LYS A 140 -5.84 14.87 10.17
CA LYS A 140 -6.99 15.73 10.15
C LYS A 140 -7.24 16.08 8.70
N PRO A 141 -8.40 16.65 8.39
CA PRO A 141 -8.67 16.91 6.97
C PRO A 141 -7.71 17.87 6.25
N GLU A 142 -7.00 18.72 6.97
CA GLU A 142 -6.02 19.59 6.32
C GLU A 142 -4.73 18.87 5.91
N ASN A 143 -4.50 17.68 6.44
CA ASN A 143 -3.32 16.91 6.09
C ASN A 143 -3.70 15.85 5.09
N ILE A 144 -4.94 15.88 4.62
CA ILE A 144 -5.39 14.96 3.59
C ILE A 144 -5.55 15.79 2.33
N LEU A 145 -4.68 15.57 1.34
CA LEU A 145 -4.67 16.36 0.12
C LEU A 145 -5.36 15.59 -1.00
N VAL A 146 -5.94 16.33 -1.94
CA VAL A 146 -6.77 15.76 -3.01
C VAL A 146 -6.29 16.23 -4.38
N ASP A 147 -6.14 15.30 -5.34
CA ASP A 147 -5.75 15.69 -6.69
C ASP A 147 -7.02 15.97 -7.52
N ASN A 148 -6.84 16.35 -8.80
CA ASN A 148 -7.97 16.62 -9.71
C ASN A 148 -8.92 15.44 -9.91
N ASP A 149 -8.45 14.21 -9.75
CA ASP A 149 -9.24 12.98 -9.91
C ASP A 149 -9.90 12.54 -8.60
N PHE A 150 -9.78 13.36 -7.56
CA PHE A 150 -10.23 13.06 -6.19
C PHE A 150 -9.56 11.83 -5.57
N HIS A 151 -8.32 11.52 -5.94
CA HIS A 151 -7.52 10.60 -5.13
C HIS A 151 -6.82 11.41 -4.02
N ILE A 152 -6.61 10.79 -2.86
CA ILE A 152 -5.98 11.49 -1.74
C ILE A 152 -4.52 11.11 -1.54
N LYS A 153 -3.80 11.97 -0.85
CA LYS A 153 -2.45 11.66 -0.45
C LYS A 153 -2.30 12.30 0.92
N ILE A 154 -1.88 11.52 1.90
CA ILE A 154 -1.70 12.03 3.25
C ILE A 154 -0.40 12.81 3.42
N ALA A 155 -0.47 13.89 4.17
CA ALA A 155 0.69 14.73 4.40
C ALA A 155 0.90 15.07 5.85
N ASP A 156 1.94 15.84 6.17
CA ASP A 156 2.22 16.30 7.53
C ASP A 156 2.67 17.72 7.43
N LEU A 157 1.76 18.63 7.12
CA LEU A 157 2.13 20.02 6.86
C LEU A 157 2.84 20.76 8.01
N GLY A 158 2.67 20.30 9.23
CA GLY A 158 3.40 20.89 10.33
C GLY A 158 4.85 20.52 10.28
N LEU A 159 5.17 19.44 9.58
CA LEU A 159 6.56 19.01 9.39
C LEU A 159 7.23 18.48 10.64
N ALA A 160 6.45 18.08 11.61
CA ALA A 160 7.00 17.55 12.82
C ALA A 160 7.79 16.30 12.56
N SER A 161 7.35 15.51 11.61
CA SER A 161 8.08 14.32 11.24
C SER A 161 9.46 14.64 10.73
N PHE A 162 9.76 15.87 10.22
CA PHE A 162 11.10 16.08 9.69
C PHE A 162 11.86 16.80 10.81
N LYS A 163 12.82 16.08 11.43
CA LYS A 163 13.33 16.54 12.73
C LYS A 163 14.17 17.81 12.60
N MET A 164 15.09 17.80 11.63
CA MET A 164 16.08 18.84 11.34
C MET A 164 15.48 20.03 10.61
N TRP A 165 14.60 19.78 9.63
CA TRP A 165 13.87 20.86 8.96
C TRP A 165 13.02 21.66 9.96
N SER A 166 12.35 20.98 10.91
CA SER A 166 11.66 21.70 11.97
C SER A 166 12.64 22.49 12.83
N LYS A 167 13.76 21.86 13.16
CA LYS A 167 14.85 22.45 13.94
C LYS A 167 15.38 23.70 13.26
N LEU A 168 15.67 23.57 11.95
CA LEU A 168 16.16 24.68 11.13
C LEU A 168 15.15 25.83 11.12
N ASN A 169 13.86 25.55 11.10
CA ASN A 169 12.89 26.63 11.15
C ASN A 169 12.95 27.44 12.41
N ASN A 170 13.24 26.80 13.53
CA ASN A 170 13.23 27.48 14.83
C ASN A 170 14.51 28.22 15.13
N GLU A 171 15.34 28.39 14.13
CA GLU A 171 16.54 29.16 14.34
C GLU A 171 16.08 30.59 14.51
N GLU A 172 16.84 31.39 15.23
CA GLU A 172 16.41 32.75 15.53
C GLU A 172 17.09 33.82 14.69
N HIS A 173 17.97 33.43 13.77
CA HIS A 173 18.38 34.31 12.67
C HIS A 173 17.50 34.09 11.44
N ASN A 174 16.58 33.14 11.49
CA ASN A 174 15.61 32.90 10.44
C ASN A 174 14.52 33.97 10.49
N GLU A 175 14.19 34.53 9.32
CA GLU A 175 13.11 35.50 9.23
C GLU A 175 11.73 34.87 9.34
N LEU A 176 11.63 33.55 9.37
CA LEU A 176 10.34 32.88 9.43
C LEU A 176 10.21 31.96 10.68
N GLY A 187 -2.87 23.62 16.09
CA GLY A 187 -4.19 23.88 16.61
C GLY A 187 -5.27 23.58 15.61
N GLY A 188 -6.51 23.51 16.08
CA GLY A 188 -7.61 23.14 15.21
C GLY A 188 -7.47 21.67 15.17
N THR A 189 -6.45 21.18 15.84
CA THR A 189 -6.18 19.78 15.84
C THR A 189 -6.99 19.18 16.94
N LEU A 190 -7.44 20.01 17.86
CA LEU A 190 -8.16 19.50 19.02
C LEU A 190 -9.38 18.67 18.66
N TYR A 191 -10.05 19.01 17.59
CA TYR A 191 -11.23 18.27 17.17
C TYR A 191 -10.91 16.86 16.80
N TYR A 192 -9.74 16.65 16.24
CA TYR A 192 -9.33 15.31 15.82
C TYR A 192 -8.42 14.59 16.79
N MET A 193 -8.00 15.23 17.87
CA MET A 193 -7.08 14.69 18.85
C MET A 193 -7.79 13.71 19.79
N ALA A 194 -7.18 12.56 20.01
CA ALA A 194 -7.75 11.58 20.92
C ALA A 194 -7.73 12.11 22.35
N PRO A 195 -8.77 11.79 23.15
CA PRO A 195 -8.89 12.41 24.49
C PRO A 195 -7.76 12.14 25.47
N GLU A 196 -7.08 11.00 25.38
CA GLU A 196 -5.94 10.78 26.26
C GLU A 196 -4.87 11.86 26.04
N HIS A 197 -4.72 12.34 24.82
CA HIS A 197 -3.82 13.41 24.42
C HIS A 197 -4.32 14.81 24.75
N LEU A 198 -5.57 14.96 25.11
CA LEU A 198 -6.10 16.28 25.40
C LEU A 198 -5.70 16.75 26.81
N ASN A 199 -5.27 18.00 26.93
CA ASN A 199 -4.82 18.56 28.21
C ASN A 199 -3.64 17.82 28.76
N ASP A 200 -2.75 17.43 27.87
CA ASP A 200 -1.57 16.73 28.28
C ASP A 200 -0.46 17.15 27.36
N VAL A 201 0.64 17.62 27.90
CA VAL A 201 1.80 17.92 27.06
C VAL A 201 2.69 16.70 26.80
N ASN A 202 2.69 15.73 27.72
CA ASN A 202 3.46 14.50 27.64
C ASN A 202 2.82 13.26 27.05
N ALA A 203 1.57 13.30 26.62
CA ALA A 203 0.98 12.09 26.07
C ALA A 203 1.71 11.66 24.79
N LYS A 204 2.33 10.45 24.80
CA LYS A 204 2.95 10.04 23.54
C LYS A 204 1.90 9.49 22.57
N PRO A 205 1.86 9.97 21.33
CA PRO A 205 1.02 9.39 20.28
C PRO A 205 1.28 7.92 19.96
N THR A 206 0.22 7.18 19.68
CA THR A 206 0.28 5.77 19.36
C THR A 206 -0.49 5.55 18.06
N GLU A 207 -0.36 4.34 17.49
CA GLU A 207 -1.20 4.03 16.35
C GLU A 207 -2.69 4.18 16.67
N LYS A 208 -3.08 3.91 17.89
CA LYS A 208 -4.48 4.02 18.26
C LYS A 208 -4.95 5.47 18.35
N SER A 209 -4.01 6.39 18.48
CA SER A 209 -4.34 7.80 18.48
C SER A 209 -4.73 8.21 17.06
N ASP A 210 -3.98 7.76 16.07
CA ASP A 210 -4.33 8.02 14.67
C ASP A 210 -5.68 7.43 14.29
N VAL A 211 -5.98 6.25 14.83
CA VAL A 211 -7.28 5.61 14.60
C VAL A 211 -8.39 6.48 15.14
N TYR A 212 -8.17 7.13 16.29
CA TYR A 212 -9.18 8.06 16.79
C TYR A 212 -9.40 9.23 15.84
N SER A 213 -8.31 9.85 15.36
CA SER A 213 -8.43 10.95 14.40
C SER A 213 -9.17 10.55 13.14
N PHE A 214 -8.88 9.36 12.62
CA PHE A 214 -9.61 8.85 11.48
C PHE A 214 -11.12 8.79 11.72
N ALA A 215 -11.55 8.39 12.92
CA ALA A 215 -12.99 8.35 13.19
C ALA A 215 -13.66 9.72 13.08
N VAL A 216 -13.01 10.77 13.58
CA VAL A 216 -13.56 12.11 13.42
C VAL A 216 -13.50 12.58 11.97
N VAL A 217 -12.45 12.21 11.23
CA VAL A 217 -12.39 12.47 9.79
C VAL A 217 -13.55 11.77 9.09
N LEU A 218 -13.84 10.55 9.49
CA LEU A 218 -14.99 9.83 8.94
C LEU A 218 -16.29 10.61 9.13
N TRP A 219 -16.53 11.14 10.34
CA TRP A 219 -17.73 11.95 10.59
C TRP A 219 -17.78 13.17 9.67
N ALA A 220 -16.67 13.90 9.56
CA ALA A 220 -16.56 15.10 8.72
C ALA A 220 -16.78 14.83 7.24
N ILE A 221 -16.30 13.67 6.74
CA ILE A 221 -16.57 13.34 5.35
C ILE A 221 -18.08 13.30 5.09
N PHE A 222 -18.84 12.74 6.04
CA PHE A 222 -20.30 12.66 5.85
C PHE A 222 -21.08 13.92 6.27
N ALA A 223 -20.66 14.63 7.31
CA ALA A 223 -21.32 15.86 7.74
C ALA A 223 -20.95 17.04 6.84
N ASN A 224 -19.90 16.90 6.02
CA ASN A 224 -19.32 17.96 5.19
C ASN A 224 -18.88 19.19 5.98
N LYS A 225 -18.58 19.03 7.26
CA LYS A 225 -18.27 20.20 8.07
C LYS A 225 -17.40 19.78 9.25
N GLU A 226 -16.89 20.78 9.95
CA GLU A 226 -16.10 20.55 11.15
C GLU A 226 -17.05 20.14 12.29
N PRO A 227 -16.63 19.24 13.17
CA PRO A 227 -17.43 18.87 14.36
C PRO A 227 -17.51 19.94 15.43
N TYR A 228 -18.53 19.80 16.29
CA TYR A 228 -18.70 20.63 17.50
C TYR A 228 -18.92 22.14 17.32
N GLU A 229 -19.65 22.53 16.29
CA GLU A 229 -19.94 23.95 16.06
C GLU A 229 -20.63 24.61 17.26
N ASN A 230 -21.38 23.86 18.08
CA ASN A 230 -22.03 24.49 19.23
C ASN A 230 -21.14 24.62 20.46
N ALA A 231 -19.89 24.21 20.40
CA ALA A 231 -19.01 24.36 21.54
C ALA A 231 -18.74 25.84 21.80
N ILE A 232 -18.98 26.27 23.03
CA ILE A 232 -18.79 27.69 23.34
C ILE A 232 -17.30 28.03 23.53
N ALA A 233 -16.56 27.17 24.25
CA ALA A 233 -15.22 27.47 24.72
C ALA A 233 -14.34 26.23 24.62
N GLU A 234 -13.01 26.44 24.57
CA GLU A 234 -12.10 25.33 24.30
C GLU A 234 -11.97 24.43 25.53
N GLN A 235 -11.95 24.98 26.71
CA GLN A 235 -11.82 24.12 27.86
C GLN A 235 -13.12 23.36 28.10
N GLN A 236 -14.23 23.90 27.64
CA GLN A 236 -15.48 23.18 27.75
C GLN A 236 -15.46 21.98 26.84
N LEU A 237 -14.96 22.17 25.63
CA LEU A 237 -14.94 21.10 24.67
C LEU A 237 -13.93 20.06 25.05
N ILE A 238 -12.77 20.50 25.47
CA ILE A 238 -11.79 19.51 25.94
C ILE A 238 -12.35 18.66 27.09
N MET A 239 -12.95 19.31 28.09
CA MET A 239 -13.52 18.53 29.17
C MET A 239 -14.69 17.67 28.71
N ALA A 240 -15.52 18.19 27.82
CA ALA A 240 -16.62 17.41 27.24
C ALA A 240 -16.13 16.15 26.53
N ILE A 241 -15.14 16.25 25.67
CA ILE A 241 -14.65 15.12 24.93
C ILE A 241 -14.07 14.07 25.85
N LYS A 242 -13.35 14.49 26.88
CA LYS A 242 -12.73 13.55 27.80
C LYS A 242 -13.75 12.83 28.64
N SER A 243 -14.91 13.43 28.86
CA SER A 243 -15.98 12.79 29.61
C SER A 243 -16.79 11.92 28.67
N GLY A 244 -16.38 11.86 27.43
CA GLY A 244 -17.05 11.04 26.43
C GLY A 244 -17.95 11.68 25.38
N ASN A 245 -18.04 13.01 25.32
CA ASN A 245 -18.75 13.64 24.22
C ASN A 245 -18.04 13.33 22.90
N ARG A 246 -18.82 13.15 21.84
CA ARG A 246 -18.35 12.85 20.50
C ARG A 246 -19.09 13.71 19.49
N PRO A 247 -18.58 13.83 18.26
CA PRO A 247 -19.36 14.53 17.24
C PRO A 247 -20.76 13.97 17.09
N ASP A 248 -21.71 14.88 16.86
CA ASP A 248 -23.11 14.53 16.89
C ASP A 248 -23.42 13.69 15.65
N VAL A 249 -23.78 12.42 15.84
CA VAL A 249 -24.04 11.60 14.67
C VAL A 249 -25.37 12.02 14.04
N ASP A 250 -26.25 12.67 14.79
CA ASP A 250 -27.52 13.09 14.25
C ASP A 250 -27.41 14.32 13.36
N ASP A 251 -26.29 15.02 13.44
CA ASP A 251 -26.09 16.22 12.65
C ASP A 251 -25.52 15.92 11.28
N ILE A 252 -25.40 14.65 10.96
CA ILE A 252 -25.21 14.23 9.58
C ILE A 252 -26.53 14.19 8.85
N THR A 253 -26.70 15.07 7.88
CA THR A 253 -27.94 15.13 7.14
C THR A 253 -27.96 14.12 6.02
N GLU A 254 -26.84 13.97 5.33
CA GLU A 254 -26.75 13.01 4.26
C GLU A 254 -26.86 11.63 4.80
N TYR A 255 -27.10 10.67 3.92
CA TYR A 255 -27.19 9.29 4.34
C TYR A 255 -25.84 8.72 4.62
N CYS A 256 -25.61 8.24 5.84
CA CYS A 256 -24.38 7.58 6.03
C CYS A 256 -24.76 6.17 6.31
N PRO A 257 -24.19 5.28 5.53
CA PRO A 257 -24.44 3.86 5.81
C PRO A 257 -24.22 3.48 7.28
N ARG A 258 -25.06 2.58 7.78
CA ARG A 258 -24.99 2.18 9.19
C ARG A 258 -23.65 1.55 9.50
N GLU A 259 -23.05 0.85 8.53
CA GLU A 259 -21.72 0.26 8.68
C GLU A 259 -20.66 1.32 8.99
N ILE A 260 -20.73 2.47 8.32
CA ILE A 260 -19.75 3.54 8.58
C ILE A 260 -19.99 4.20 9.94
N ILE A 261 -21.25 4.45 10.31
CA ILE A 261 -21.55 4.95 11.63
C ILE A 261 -21.04 4.00 12.70
N SER A 262 -21.24 2.69 12.51
CA SER A 262 -20.71 1.72 13.46
C SER A 262 -19.19 1.78 13.55
N LEU A 263 -18.52 1.84 12.40
CA LEU A 263 -17.06 1.96 12.36
C LEU A 263 -16.56 3.23 13.02
N MET A 264 -17.20 4.36 12.70
CA MET A 264 -16.84 5.64 13.31
C MET A 264 -16.89 5.56 14.83
N LYS A 265 -17.98 4.99 15.37
CA LYS A 265 -18.16 4.80 16.81
C LYS A 265 -17.09 3.89 17.43
N LEU A 266 -16.72 2.79 16.76
CA LEU A 266 -15.63 1.94 17.27
C LEU A 266 -14.27 2.63 17.24
N CYS A 267 -14.03 3.45 16.25
CA CYS A 267 -12.72 4.05 16.16
C CYS A 267 -12.54 5.24 17.14
N TRP A 268 -13.61 5.81 17.66
CA TRP A 268 -13.46 6.90 18.61
C TRP A 268 -13.74 6.45 20.00
N GLU A 269 -13.61 5.15 20.21
CA GLU A 269 -13.83 4.57 21.52
C GLU A 269 -12.94 5.20 22.54
N ALA A 270 -13.49 5.39 23.71
CA ALA A 270 -12.75 6.04 24.78
C ALA A 270 -11.54 5.22 25.19
N ASN A 271 -11.71 3.91 25.26
CA ASN A 271 -10.61 3.01 25.57
C ASN A 271 -9.79 2.78 24.30
N PRO A 272 -8.51 3.19 24.28
CA PRO A 272 -7.66 2.95 23.10
C PRO A 272 -7.47 1.50 22.66
N GLU A 273 -7.52 0.54 23.58
CA GLU A 273 -7.34 -0.86 23.22
C GLU A 273 -8.55 -1.43 22.50
N ALA A 274 -9.71 -0.77 22.63
CA ALA A 274 -10.89 -1.15 21.89
C ALA A 274 -10.85 -0.72 20.44
N ARG A 275 -10.00 0.24 20.10
CA ARG A 275 -9.91 0.70 18.73
C ARG A 275 -9.18 -0.32 17.86
N PRO A 276 -9.68 -0.57 16.65
CA PRO A 276 -8.98 -1.44 15.70
C PRO A 276 -7.69 -0.81 15.17
N THR A 277 -6.86 -1.64 14.57
CA THR A 277 -5.73 -1.16 13.77
C THR A 277 -6.19 -0.83 12.37
N PHE A 278 -5.41 -0.01 11.69
CA PHE A 278 -5.73 0.28 10.29
C PHE A 278 -5.78 -0.96 9.38
N PRO A 279 -4.88 -1.95 9.52
CA PRO A 279 -5.08 -3.20 8.77
C PRO A 279 -6.39 -3.91 9.05
N GLY A 280 -6.86 -3.91 10.30
CA GLY A 280 -8.16 -4.50 10.59
C GLY A 280 -9.34 -3.69 10.09
N ILE A 281 -9.19 -2.37 10.00
CA ILE A 281 -10.22 -1.55 9.37
C ILE A 281 -10.31 -1.84 7.88
N GLU A 282 -9.16 -1.94 7.21
CA GLU A 282 -9.10 -2.23 5.78
C GLU A 282 -9.79 -3.56 5.43
N GLU A 283 -9.51 -4.62 6.18
CA GLU A 283 -10.15 -5.90 5.94
C GLU A 283 -11.67 -5.81 6.03
N LYS A 284 -12.19 -5.00 6.95
CA LYS A 284 -13.64 -4.82 7.05
C LYS A 284 -14.18 -3.85 6.00
N PHE A 285 -13.46 -2.76 5.72
CA PHE A 285 -14.06 -1.73 4.91
C PHE A 285 -14.00 -2.04 3.42
N ARG A 286 -12.89 -2.60 2.92
CA ARG A 286 -12.81 -2.85 1.47
C ARG A 286 -13.90 -3.72 0.90
N PRO A 287 -14.24 -4.90 1.47
CA PRO A 287 -15.35 -5.69 0.89
C PRO A 287 -16.68 -4.94 0.93
N PHE A 288 -16.90 -4.18 2.01
CA PHE A 288 -18.10 -3.34 2.10
C PHE A 288 -18.08 -2.26 1.04
N TYR A 289 -16.94 -1.61 0.86
CA TYR A 289 -16.83 -0.59 -0.18
C TYR A 289 -17.17 -1.19 -1.53
N LEU A 290 -16.54 -2.33 -1.87
CA LEU A 290 -16.77 -2.97 -3.17
C LEU A 290 -18.22 -3.44 -3.33
N SER A 291 -18.84 -3.92 -2.26
CA SER A 291 -20.18 -4.49 -2.39
C SER A 291 -21.29 -3.46 -2.27
N GLN A 292 -21.05 -2.33 -1.58
CA GLN A 292 -22.10 -1.38 -1.22
C GLN A 292 -21.94 0.04 -1.76
N LEU A 293 -20.73 0.46 -2.14
CA LEU A 293 -20.40 1.86 -2.41
C LEU A 293 -19.97 2.05 -3.87
N GLU A 294 -19.21 1.10 -4.43
CA GLU A 294 -18.54 1.07 -5.78
C GLU A 294 -17.09 0.62 -5.78
N LEU B 7 -1.48 -10.21 15.44
CA LEU B 7 -0.04 -10.21 15.56
C LEU B 7 0.45 -11.63 15.72
N ASN B 8 -0.28 -12.43 16.50
CA ASN B 8 0.10 -13.81 16.73
C ASN B 8 -0.82 -14.72 15.95
N VAL B 9 -0.33 -15.90 15.62
CA VAL B 9 -1.12 -16.78 14.77
C VAL B 9 -2.35 -17.28 15.48
N ILE B 10 -3.28 -17.85 14.72
CA ILE B 10 -4.47 -18.45 15.33
C ILE B 10 -4.34 -19.96 15.25
N LYS B 11 -4.27 -20.62 16.40
CA LYS B 11 -4.21 -22.05 16.36
C LYS B 11 -5.60 -22.48 16.07
N MET B 12 -5.73 -23.49 15.23
CA MET B 12 -7.03 -24.01 14.95
C MET B 12 -6.93 -25.50 15.11
N LYS B 13 -8.06 -26.17 15.12
CA LYS B 13 -8.07 -27.59 15.30
C LYS B 13 -8.89 -28.22 14.25
N SER B 14 -8.50 -29.38 13.78
CA SER B 14 -9.21 -30.01 12.69
C SER B 14 -10.63 -30.24 13.11
N SER B 15 -10.85 -30.21 14.41
CA SER B 15 -12.18 -30.39 14.90
C SER B 15 -13.12 -29.38 14.27
N ASP B 16 -12.57 -28.32 13.71
CA ASP B 16 -13.44 -27.27 13.21
C ASP B 16 -13.73 -27.29 11.70
N PHE B 17 -13.20 -28.25 10.95
CA PHE B 17 -13.50 -28.35 9.53
C PHE B 17 -14.36 -29.56 9.18
N LEU B 18 -15.49 -29.30 8.55
CA LEU B 18 -16.41 -30.36 8.25
C LEU B 18 -16.11 -30.96 6.92
N GLU B 19 -15.87 -30.12 5.92
CA GLU B 19 -15.70 -30.65 4.57
C GLU B 19 -14.30 -31.15 4.29
N SER B 20 -14.18 -32.00 3.27
CA SER B 20 -12.89 -32.53 2.88
C SER B 20 -12.64 -32.27 1.40
N ALA B 21 -11.38 -32.33 0.97
CA ALA B 21 -11.04 -32.12 -0.44
C ALA B 21 -11.91 -31.10 -1.14
N VAL B 31 -4.52 -29.32 -0.42
CA VAL B 31 -5.20 -29.13 -1.67
C VAL B 31 -6.67 -29.35 -1.42
N SER B 32 -7.14 -28.94 -0.25
CA SER B 32 -8.53 -29.19 0.08
C SER B 32 -9.40 -28.00 0.38
N LEU B 33 -10.59 -27.95 -0.22
CA LEU B 33 -11.54 -26.89 0.08
C LEU B 33 -12.30 -27.29 1.31
N ALA B 34 -11.73 -27.04 2.46
CA ALA B 34 -12.35 -27.42 3.73
C ALA B 34 -13.36 -26.35 4.14
N PHE B 35 -14.52 -26.76 4.64
CA PHE B 35 -15.53 -25.87 5.19
C PHE B 35 -15.36 -25.80 6.71
N HIS B 36 -15.00 -24.61 7.24
CA HIS B 36 -14.81 -24.45 8.69
C HIS B 36 -16.09 -24.18 9.46
N ARG B 37 -16.20 -24.85 10.62
CA ARG B 37 -17.39 -24.86 11.48
C ARG B 37 -18.02 -23.49 11.68
N THR B 38 -17.20 -22.46 11.87
CA THR B 38 -17.75 -21.15 12.20
C THR B 38 -17.36 -20.05 11.22
N GLN B 39 -16.32 -20.25 10.41
CA GLN B 39 -15.82 -19.17 9.53
C GLN B 39 -16.00 -19.43 8.06
N GLY B 40 -16.62 -20.53 7.70
CA GLY B 40 -16.94 -20.81 6.32
C GLY B 40 -15.83 -21.41 5.50
N LEU B 41 -15.83 -21.07 4.21
CA LEU B 41 -14.92 -21.73 3.30
C LEU B 41 -13.51 -21.22 3.50
N MET B 42 -12.58 -22.16 3.51
CA MET B 42 -11.16 -21.92 3.69
C MET B 42 -10.42 -22.94 2.84
N ILE B 43 -9.15 -22.67 2.59
CA ILE B 43 -8.24 -23.63 1.99
C ILE B 43 -7.42 -24.25 3.09
N MET B 44 -7.39 -25.56 3.06
CA MET B 44 -6.51 -26.40 3.86
C MET B 44 -5.41 -27.00 2.99
N LYS B 45 -4.17 -26.69 3.37
CA LYS B 45 -3.04 -27.31 2.71
C LYS B 45 -2.41 -28.10 3.81
N THR B 46 -2.72 -29.37 3.85
CA THR B 46 -2.13 -30.24 4.86
C THR B 46 -0.74 -30.56 4.37
N VAL B 47 0.25 -30.22 5.16
CA VAL B 47 1.62 -30.40 4.72
C VAL B 47 2.21 -31.69 5.27
N TYR B 48 2.17 -31.85 6.58
CA TYR B 48 2.67 -33.07 7.19
C TYR B 48 1.58 -33.87 7.85
N LYS B 49 1.46 -35.15 7.49
CA LYS B 49 0.49 -35.95 8.23
C LYS B 49 1.14 -37.18 8.83
N GLY B 50 2.46 -37.20 8.95
CA GLY B 50 3.21 -38.32 9.49
C GLY B 50 3.03 -38.60 10.98
N PRO B 51 3.06 -39.89 11.33
CA PRO B 51 3.01 -40.29 12.75
C PRO B 51 4.02 -39.61 13.70
N ASN B 52 5.14 -39.17 13.18
CA ASN B 52 6.16 -38.62 14.05
C ASN B 52 5.75 -37.30 14.64
N CYS B 53 5.65 -37.24 15.96
CA CYS B 53 5.29 -36.01 16.61
C CYS B 53 6.49 -35.39 17.31
N ILE B 54 7.07 -34.32 16.77
CA ILE B 54 8.28 -33.76 17.38
C ILE B 54 8.16 -32.29 17.74
N GLU B 55 8.95 -31.82 18.72
CA GLU B 55 8.86 -30.45 19.22
C GLU B 55 9.33 -29.33 18.29
N HIS B 56 9.93 -29.67 17.15
CA HIS B 56 10.35 -28.67 16.21
C HIS B 56 9.08 -28.03 15.73
N ASN B 57 7.98 -28.71 15.99
CA ASN B 57 6.67 -28.21 15.56
C ASN B 57 6.54 -26.74 15.97
N GLU B 58 7.06 -26.40 17.16
CA GLU B 58 7.05 -25.05 17.71
C GLU B 58 7.83 -24.10 16.79
N ALA B 59 8.96 -24.54 16.26
CA ALA B 59 9.72 -23.71 15.31
C ALA B 59 8.88 -23.43 14.07
N LEU B 60 8.15 -24.43 13.59
CA LEU B 60 7.20 -24.26 12.48
C LEU B 60 6.14 -23.22 12.85
N LEU B 61 5.69 -23.23 14.10
CA LEU B 61 4.68 -22.27 14.55
C LEU B 61 5.23 -20.84 14.56
N GLU B 62 6.49 -20.65 14.98
CA GLU B 62 7.11 -19.32 14.89
C GLU B 62 7.26 -18.84 13.44
N GLU B 63 7.66 -19.74 12.54
CA GLU B 63 7.69 -19.38 11.13
C GLU B 63 6.30 -19.01 10.63
N ALA B 64 5.28 -19.74 11.06
CA ALA B 64 3.93 -19.36 10.68
C ALA B 64 3.54 -17.99 11.25
N LYS B 65 3.97 -17.68 12.48
CA LYS B 65 3.76 -16.33 13.00
C LYS B 65 4.50 -15.25 12.20
N MET B 66 5.73 -15.53 11.78
CA MET B 66 6.47 -14.59 10.96
C MET B 66 5.83 -14.40 9.58
N MET B 67 5.35 -15.49 8.98
CA MET B 67 4.56 -15.43 7.76
C MET B 67 3.28 -14.61 7.94
N ASN B 68 2.61 -14.76 9.08
CA ASN B 68 1.37 -14.02 9.35
C ASN B 68 1.56 -12.53 9.39
N ARG B 69 2.80 -12.09 9.43
CA ARG B 69 3.08 -10.68 9.42
C ARG B 69 2.78 -10.06 8.09
N LEU B 70 2.89 -10.86 7.04
CA LEU B 70 2.67 -10.35 5.71
C LEU B 70 1.21 -10.08 5.52
N ARG B 71 0.82 -8.82 5.67
CA ARG B 71 -0.57 -8.46 5.54
C ARG B 71 -0.79 -7.32 4.58
N HIS B 72 -1.42 -7.63 3.44
CA HIS B 72 -1.69 -6.64 2.42
C HIS B 72 -2.87 -7.16 1.64
N SER B 73 -3.64 -6.25 1.06
CA SER B 73 -4.83 -6.65 0.30
C SER B 73 -4.50 -7.54 -0.89
N ARG B 74 -3.27 -7.48 -1.42
CA ARG B 74 -2.85 -8.23 -2.59
C ARG B 74 -1.91 -9.38 -2.26
N VAL B 75 -1.88 -9.82 -1.02
CA VAL B 75 -1.05 -10.95 -0.60
C VAL B 75 -1.98 -11.91 0.14
N VAL B 76 -1.90 -13.21 -0.18
CA VAL B 76 -2.75 -14.21 0.50
C VAL B 76 -2.47 -14.27 1.99
N LYS B 77 -3.54 -14.12 2.74
CA LYS B 77 -3.56 -14.14 4.20
C LYS B 77 -3.55 -15.56 4.76
N LEU B 78 -2.57 -15.84 5.61
CA LEU B 78 -2.65 -16.99 6.51
C LEU B 78 -3.68 -16.70 7.58
N LEU B 79 -4.71 -17.55 7.66
CA LEU B 79 -5.80 -17.43 8.62
C LEU B 79 -5.52 -18.14 9.93
N GLY B 80 -4.85 -19.29 9.86
CA GLY B 80 -4.50 -20.03 11.06
C GLY B 80 -3.60 -21.18 10.70
N VAL B 81 -3.28 -21.97 11.73
CA VAL B 81 -2.47 -23.18 11.58
C VAL B 81 -3.06 -24.31 12.40
N ILE B 82 -2.92 -25.52 11.88
CA ILE B 82 -3.39 -26.67 12.59
C ILE B 82 -2.18 -27.47 12.97
N ILE B 83 -1.76 -27.33 14.22
CA ILE B 83 -0.62 -28.08 14.70
C ILE B 83 -1.09 -29.16 15.67
N GLU B 84 -1.36 -30.34 15.14
CA GLU B 84 -1.84 -31.42 15.98
C GLU B 84 -0.88 -32.58 15.90
N GLU B 85 -0.61 -33.22 17.04
CA GLU B 85 0.25 -34.37 17.02
C GLU B 85 -0.18 -35.22 15.83
N GLY B 86 0.68 -35.33 14.83
CA GLY B 86 0.36 -36.14 13.68
C GLY B 86 0.02 -35.39 12.42
N LYS B 87 -0.37 -34.13 12.54
CA LYS B 87 -0.78 -33.35 11.35
C LYS B 87 -0.46 -31.89 11.40
N TYR B 88 -0.08 -31.34 10.27
CA TYR B 88 0.27 -29.94 10.19
C TYR B 88 -0.33 -29.37 8.93
N SER B 89 -1.18 -28.37 9.08
CA SER B 89 -1.84 -27.79 7.91
C SER B 89 -1.78 -26.26 7.95
N LEU B 90 -1.82 -25.61 6.81
CA LEU B 90 -1.90 -24.16 6.78
C LEU B 90 -3.30 -23.82 6.22
N VAL B 91 -4.10 -23.07 6.96
CA VAL B 91 -5.48 -22.76 6.53
C VAL B 91 -5.30 -21.47 5.78
N MET B 92 -5.98 -21.31 4.65
CA MET B 92 -5.54 -20.16 3.86
C MET B 92 -6.66 -19.28 3.34
N GLU B 93 -6.50 -18.17 2.70
CA GLU B 93 -7.76 -17.55 2.21
C GLU B 93 -8.21 -18.31 0.96
N TYR B 94 -9.51 -18.48 0.74
CA TYR B 94 -10.00 -19.12 -0.49
C TYR B 94 -10.27 -18.17 -1.67
N MET B 95 -9.56 -18.33 -2.77
CA MET B 95 -9.76 -17.52 -3.96
C MET B 95 -10.64 -18.37 -4.86
N GLU B 96 -11.77 -17.85 -5.33
CA GLU B 96 -12.77 -18.72 -5.99
C GLU B 96 -12.48 -18.97 -7.45
N LYS B 97 -11.75 -18.08 -8.12
CA LYS B 97 -11.45 -18.28 -9.53
C LYS B 97 -10.13 -18.98 -9.79
N GLY B 98 -9.41 -19.36 -8.74
CA GLY B 98 -8.14 -20.04 -8.90
C GLY B 98 -7.02 -19.08 -9.33
N ASN B 99 -6.10 -19.62 -10.14
CA ASN B 99 -4.92 -18.89 -10.59
C ASN B 99 -5.22 -18.07 -11.86
N LEU B 100 -4.32 -17.11 -12.12
CA LEU B 100 -4.53 -16.19 -13.23
C LEU B 100 -4.51 -16.85 -14.60
N MET B 101 -3.69 -17.88 -14.80
CA MET B 101 -3.72 -18.57 -16.08
C MET B 101 -5.08 -19.21 -16.32
N HIS B 102 -5.68 -19.77 -15.27
CA HIS B 102 -7.01 -20.36 -15.41
C HIS B 102 -8.03 -19.30 -15.80
N VAL B 103 -7.94 -18.10 -15.21
CA VAL B 103 -8.81 -16.98 -15.59
C VAL B 103 -8.53 -16.46 -17.01
N LEU B 104 -7.26 -16.44 -17.44
CA LEU B 104 -6.95 -15.91 -18.77
C LEU B 104 -7.42 -16.81 -19.88
N LYS B 105 -7.35 -18.13 -19.68
CA LYS B 105 -7.79 -19.13 -20.68
C LYS B 105 -9.30 -19.41 -20.64
N ALA B 106 -10.04 -18.78 -19.77
CA ALA B 106 -11.47 -18.95 -19.77
C ALA B 106 -12.11 -18.53 -21.08
N GLU B 107 -13.31 -19.04 -21.34
CA GLU B 107 -14.00 -18.77 -22.59
C GLU B 107 -14.31 -17.31 -22.72
N MET B 108 -14.77 -16.73 -21.63
CA MET B 108 -15.04 -15.31 -21.64
C MET B 108 -13.75 -14.57 -21.50
N SER B 109 -13.53 -13.62 -22.38
CA SER B 109 -12.29 -12.88 -22.38
C SER B 109 -12.29 -11.87 -21.27
N THR B 110 -11.12 -11.46 -20.85
CA THR B 110 -11.02 -10.50 -19.79
C THR B 110 -10.73 -9.16 -20.42
N PRO B 111 -11.58 -8.17 -20.17
CA PRO B 111 -11.43 -6.84 -20.77
C PRO B 111 -10.09 -6.16 -20.42
N LEU B 112 -9.69 -5.23 -21.29
CA LEU B 112 -8.42 -4.53 -21.10
C LEU B 112 -8.37 -3.80 -19.76
N SER B 113 -9.48 -3.18 -19.34
CA SER B 113 -9.50 -2.49 -18.06
C SER B 113 -9.21 -3.46 -16.92
N VAL B 114 -9.80 -4.65 -16.96
CA VAL B 114 -9.55 -5.65 -15.89
C VAL B 114 -8.11 -6.18 -15.96
N LYS B 115 -7.59 -6.43 -17.16
CA LYS B 115 -6.17 -6.73 -17.29
C LYS B 115 -5.29 -5.61 -16.74
N GLY B 116 -5.62 -4.35 -17.05
CA GLY B 116 -4.88 -3.25 -16.45
C GLY B 116 -4.90 -3.24 -14.94
N ARG B 117 -6.09 -3.46 -14.35
CA ARG B 117 -6.23 -3.51 -12.90
C ARG B 117 -5.45 -4.68 -12.28
N ILE B 118 -5.55 -5.88 -12.88
CA ILE B 118 -4.79 -7.03 -12.40
C ILE B 118 -3.31 -6.71 -12.32
N ILE B 119 -2.78 -6.06 -13.37
CA ILE B 119 -1.37 -5.69 -13.41
C ILE B 119 -1.04 -4.73 -12.26
N LEU B 120 -1.86 -3.70 -12.06
CA LEU B 120 -1.60 -2.76 -10.95
C LEU B 120 -1.55 -3.48 -9.61
N GLU B 121 -2.48 -4.40 -9.38
CA GLU B 121 -2.55 -5.13 -8.12
C GLU B 121 -1.36 -6.04 -7.90
N ILE B 122 -0.83 -6.64 -8.98
CA ILE B 122 0.42 -7.40 -8.90
C ILE B 122 1.59 -6.51 -8.52
N ILE B 123 1.68 -5.33 -9.15
CA ILE B 123 2.75 -4.38 -8.82
C ILE B 123 2.68 -3.99 -7.33
N GLU B 124 1.51 -3.70 -6.82
CA GLU B 124 1.41 -3.27 -5.43
C GLU B 124 1.68 -4.42 -4.49
N GLY B 125 1.22 -5.61 -4.83
CA GLY B 125 1.56 -6.78 -4.03
C GLY B 125 3.04 -7.03 -3.96
N MET B 126 3.73 -6.88 -5.09
CA MET B 126 5.18 -7.08 -5.17
C MET B 126 5.92 -5.95 -4.46
N ALA B 127 5.47 -4.68 -4.61
CA ALA B 127 6.15 -3.60 -3.88
C ALA B 127 6.03 -3.81 -2.37
N TYR B 128 4.88 -4.34 -1.92
CA TYR B 128 4.69 -4.57 -0.48
C TYR B 128 5.66 -5.63 0.02
N LEU B 129 5.76 -6.75 -0.72
CA LEU B 129 6.61 -7.87 -0.32
C LEU B 129 8.08 -7.46 -0.29
N HIS B 130 8.56 -6.78 -1.34
CA HIS B 130 9.94 -6.29 -1.35
C HIS B 130 10.21 -5.28 -0.25
N GLY B 131 9.24 -4.40 0.03
CA GLY B 131 9.36 -3.49 1.17
C GLY B 131 9.45 -4.16 2.53
N LYS B 132 9.05 -5.43 2.63
CA LYS B 132 9.24 -6.23 3.84
C LYS B 132 10.50 -7.06 3.79
N GLY B 133 11.33 -6.89 2.76
CA GLY B 133 12.52 -7.69 2.56
C GLY B 133 12.23 -9.10 2.12
N VAL B 134 11.07 -9.32 1.53
CA VAL B 134 10.73 -10.63 1.04
C VAL B 134 10.88 -10.71 -0.47
N ILE B 135 11.71 -11.63 -0.94
CA ILE B 135 11.86 -11.86 -2.36
C ILE B 135 11.09 -13.11 -2.71
N HIS B 136 10.18 -13.02 -3.66
CA HIS B 136 9.38 -14.15 -4.09
C HIS B 136 10.09 -14.81 -5.18
N LYS B 137 10.79 -15.85 -4.92
CA LYS B 137 11.62 -16.39 -5.99
C LYS B 137 10.92 -17.11 -7.16
N ASP B 138 9.61 -17.24 -7.13
CA ASP B 138 8.90 -17.96 -8.18
C ASP B 138 7.60 -17.30 -8.58
N LEU B 139 7.68 -16.07 -9.06
CA LEU B 139 6.50 -15.38 -9.51
C LEU B 139 6.13 -15.92 -10.86
N LYS B 140 4.89 -16.29 -11.02
CA LYS B 140 4.43 -16.89 -12.23
C LYS B 140 2.92 -16.86 -12.09
N PRO B 141 2.21 -17.07 -13.19
CA PRO B 141 0.74 -16.98 -13.12
C PRO B 141 0.08 -18.00 -12.17
N GLU B 142 0.69 -19.15 -11.89
CA GLU B 142 0.13 -20.12 -10.93
C GLU B 142 0.11 -19.60 -9.48
N ASN B 143 0.99 -18.65 -9.14
CA ASN B 143 1.06 -17.98 -7.82
C ASN B 143 0.30 -16.66 -7.76
N ILE B 144 -0.51 -16.35 -8.76
CA ILE B 144 -1.40 -15.18 -8.69
C ILE B 144 -2.80 -15.74 -8.64
N LEU B 145 -3.46 -15.57 -7.49
CA LEU B 145 -4.80 -16.11 -7.27
C LEU B 145 -5.84 -15.02 -7.48
N VAL B 146 -7.04 -15.43 -7.89
CA VAL B 146 -8.11 -14.52 -8.30
C VAL B 146 -9.41 -14.80 -7.53
N ASP B 147 -10.05 -13.73 -7.00
CA ASP B 147 -11.35 -13.84 -6.29
C ASP B 147 -12.53 -13.65 -7.27
N ASN B 148 -13.78 -13.73 -6.76
CA ASN B 148 -14.98 -13.52 -7.60
C ASN B 148 -15.05 -12.18 -8.28
N ASP B 149 -14.41 -11.17 -7.73
CA ASP B 149 -14.43 -9.83 -8.30
C ASP B 149 -13.29 -9.57 -9.26
N PHE B 150 -12.50 -10.62 -9.58
CA PHE B 150 -11.26 -10.56 -10.36
C PHE B 150 -10.20 -9.66 -9.73
N HIS B 151 -10.20 -9.55 -8.40
CA HIS B 151 -9.03 -9.01 -7.70
C HIS B 151 -8.05 -10.15 -7.43
N ILE B 152 -6.77 -9.83 -7.46
CA ILE B 152 -5.71 -10.83 -7.26
C ILE B 152 -5.05 -10.78 -5.88
N LYS B 153 -4.46 -11.90 -5.52
CA LYS B 153 -3.67 -11.95 -4.31
C LYS B 153 -2.47 -12.83 -4.67
N ILE B 154 -1.27 -12.38 -4.36
CA ILE B 154 -0.06 -13.13 -4.65
C ILE B 154 0.23 -14.20 -3.63
N ALA B 155 0.55 -15.39 -4.09
CA ALA B 155 0.85 -16.49 -3.23
C ALA B 155 2.21 -17.13 -3.49
N ASP B 156 2.56 -18.15 -2.72
CA ASP B 156 3.80 -18.90 -2.89
C ASP B 156 3.43 -20.33 -2.63
N LEU B 157 2.80 -20.97 -3.59
CA LEU B 157 2.29 -22.33 -3.38
C LEU B 157 3.34 -23.40 -3.12
N GLY B 158 4.53 -23.24 -3.66
CA GLY B 158 5.61 -24.17 -3.38
C GLY B 158 6.21 -23.98 -2.02
N LEU B 159 5.86 -22.89 -1.35
CA LEU B 159 6.29 -22.68 0.02
C LEU B 159 7.76 -22.39 0.16
N ALA B 160 8.35 -21.78 -0.85
CA ALA B 160 9.77 -21.49 -0.83
C ALA B 160 10.13 -20.31 0.07
N SER B 161 9.18 -19.84 0.87
CA SER B 161 9.48 -18.78 1.80
C SER B 161 9.32 -19.31 3.19
N PHE B 162 8.61 -20.41 3.34
CA PHE B 162 8.44 -21.03 4.63
C PHE B 162 9.57 -22.03 4.68
N LYS B 163 10.56 -21.83 5.55
CA LYS B 163 11.73 -22.71 5.44
C LYS B 163 11.42 -24.14 5.89
N MET B 164 10.76 -24.26 7.06
CA MET B 164 10.42 -25.52 7.73
C MET B 164 9.20 -26.23 7.13
N TRP B 165 8.15 -25.46 6.84
CA TRP B 165 6.95 -25.99 6.16
C TRP B 165 7.28 -26.57 4.79
N SER B 166 8.16 -25.90 4.04
CA SER B 166 8.63 -26.46 2.78
C SER B 166 9.36 -27.78 3.03
N LYS B 167 10.18 -27.82 4.07
CA LYS B 167 10.94 -29.00 4.45
C LYS B 167 10.04 -30.21 4.74
N LEU B 168 9.01 -30.07 5.57
CA LEU B 168 8.15 -31.23 5.81
C LEU B 168 7.52 -31.73 4.51
N ASN B 169 7.02 -30.81 3.68
CA ASN B 169 6.52 -31.17 2.37
C ASN B 169 7.69 -31.74 1.55
N ASN B 170 7.41 -32.61 0.58
CA ASN B 170 8.51 -33.13 -0.26
C ASN B 170 9.06 -32.00 -1.17
N GLY B 187 9.20 -27.89 -19.33
CA GLY B 187 9.82 -26.75 -18.65
C GLY B 187 8.92 -25.54 -18.41
N GLY B 188 7.65 -25.79 -18.12
CA GLY B 188 6.67 -24.74 -17.85
C GLY B 188 7.04 -23.86 -16.65
N THR B 189 7.67 -24.46 -15.65
CA THR B 189 8.08 -23.72 -14.48
C THR B 189 9.22 -22.77 -14.77
N LEU B 190 10.08 -23.11 -15.73
CA LEU B 190 11.23 -22.32 -16.21
C LEU B 190 10.93 -21.00 -16.94
N TYR B 191 9.75 -20.83 -17.57
CA TYR B 191 9.44 -19.65 -18.41
C TYR B 191 9.54 -18.30 -17.70
N TYR B 192 9.22 -18.22 -16.42
CA TYR B 192 9.22 -16.95 -15.71
C TYR B 192 10.53 -16.66 -14.96
N MET B 193 11.48 -17.58 -15.02
CA MET B 193 12.76 -17.49 -14.30
C MET B 193 13.80 -16.58 -14.98
N ALA B 194 14.45 -15.75 -14.19
CA ALA B 194 15.46 -14.85 -14.73
C ALA B 194 16.66 -15.63 -15.25
N PRO B 195 17.29 -15.17 -16.35
CA PRO B 195 18.35 -15.95 -17.00
C PRO B 195 19.54 -16.20 -16.11
N GLU B 196 19.86 -15.29 -15.17
CA GLU B 196 20.95 -15.51 -14.23
C GLU B 196 20.73 -16.78 -13.39
N HIS B 197 19.46 -17.09 -13.08
CA HIS B 197 19.06 -18.29 -12.35
C HIS B 197 19.02 -19.57 -13.18
N LEU B 198 19.04 -19.44 -14.48
CA LEU B 198 19.05 -20.59 -15.36
C LEU B 198 20.41 -21.25 -15.44
N ASN B 199 20.48 -22.54 -15.13
CA ASN B 199 21.75 -23.27 -15.09
C ASN B 199 22.75 -22.68 -14.09
N ASP B 200 22.24 -22.10 -13.00
CA ASP B 200 23.09 -21.54 -11.95
C ASP B 200 22.30 -21.53 -10.66
N VAL B 201 22.10 -22.70 -10.08
CA VAL B 201 21.27 -22.82 -8.88
C VAL B 201 21.94 -22.39 -7.59
N ASN B 202 23.17 -21.95 -7.64
CA ASN B 202 23.77 -21.50 -6.43
C ASN B 202 23.70 -20.00 -6.34
N ALA B 203 23.47 -19.33 -7.45
CA ALA B 203 23.32 -17.89 -7.40
C ALA B 203 22.10 -17.48 -6.59
N LYS B 204 22.25 -16.48 -5.77
CA LYS B 204 21.17 -16.03 -4.88
C LYS B 204 20.14 -15.11 -5.55
N PRO B 205 18.85 -15.38 -5.35
CA PRO B 205 17.76 -14.51 -5.80
C PRO B 205 17.82 -13.07 -5.29
N THR B 206 17.43 -12.12 -6.15
CA THR B 206 17.43 -10.69 -5.85
C THR B 206 16.04 -10.11 -6.18
N GLU B 207 15.79 -8.87 -5.76
CA GLU B 207 14.58 -8.19 -6.21
C GLU B 207 14.48 -8.15 -7.72
N LYS B 208 15.61 -8.08 -8.40
CA LYS B 208 15.62 -8.06 -9.87
C LYS B 208 15.18 -9.38 -10.49
N SER B 209 15.29 -10.50 -9.78
CA SER B 209 14.75 -11.73 -10.34
C SER B 209 13.24 -11.70 -10.37
N ASP B 210 12.60 -11.12 -9.36
CA ASP B 210 11.15 -10.96 -9.41
C ASP B 210 10.68 -10.02 -10.51
N VAL B 211 11.44 -8.95 -10.79
CA VAL B 211 11.11 -8.02 -11.88
C VAL B 211 11.12 -8.70 -13.24
N TYR B 212 12.07 -9.61 -13.45
CA TYR B 212 12.06 -10.37 -14.70
C TYR B 212 10.83 -11.22 -14.83
N SER B 213 10.48 -11.94 -13.77
CA SER B 213 9.30 -12.80 -13.76
C SER B 213 8.02 -12.03 -14.06
N PHE B 214 7.89 -10.83 -13.47
CA PHE B 214 6.77 -9.94 -13.74
C PHE B 214 6.64 -9.60 -15.22
N ALA B 215 7.76 -9.37 -15.90
CA ALA B 215 7.72 -9.06 -17.32
C ALA B 215 7.11 -10.16 -18.17
N VAL B 216 7.46 -11.42 -17.88
CA VAL B 216 6.85 -12.53 -18.59
C VAL B 216 5.39 -12.70 -18.20
N VAL B 217 5.03 -12.44 -16.93
CA VAL B 217 3.62 -12.42 -16.56
C VAL B 217 2.88 -11.35 -17.37
N LEU B 218 3.47 -10.17 -17.57
CA LEU B 218 2.83 -9.17 -18.44
C LEU B 218 2.55 -9.73 -19.82
N TRP B 219 3.55 -10.39 -20.41
CA TRP B 219 3.34 -11.00 -21.71
C TRP B 219 2.20 -11.99 -21.69
N ALA B 220 2.19 -12.88 -20.70
CA ALA B 220 1.15 -13.90 -20.61
C ALA B 220 -0.24 -13.33 -20.43
N ILE B 221 -0.36 -12.23 -19.66
CA ILE B 221 -1.66 -11.58 -19.50
C ILE B 221 -2.23 -11.14 -20.84
N PHE B 222 -1.40 -10.60 -21.71
CA PHE B 222 -1.89 -10.15 -23.00
C PHE B 222 -1.95 -11.26 -24.04
N ALA B 223 -1.03 -12.23 -24.02
CA ALA B 223 -1.12 -13.34 -24.98
C ALA B 223 -2.19 -14.36 -24.60
N ASN B 224 -2.70 -14.32 -23.35
CA ASN B 224 -3.64 -15.31 -22.81
C ASN B 224 -3.11 -16.72 -22.90
N LYS B 225 -1.80 -16.88 -22.95
CA LYS B 225 -1.23 -18.19 -23.18
C LYS B 225 0.15 -18.22 -22.57
N GLU B 226 0.72 -19.42 -22.53
CA GLU B 226 2.08 -19.63 -22.09
C GLU B 226 3.06 -19.18 -23.18
N PRO B 227 4.20 -18.63 -22.79
CA PRO B 227 5.27 -18.27 -23.75
C PRO B 227 6.00 -19.47 -24.34
N TYR B 228 6.66 -19.20 -25.48
CA TYR B 228 7.59 -20.14 -26.17
C TYR B 228 7.00 -21.48 -26.60
N GLU B 229 5.74 -21.51 -27.03
CA GLU B 229 5.22 -22.80 -27.48
C GLU B 229 6.02 -23.43 -28.64
N ASN B 230 6.75 -22.65 -29.41
CA ASN B 230 7.47 -23.21 -30.56
C ASN B 230 8.93 -23.59 -30.31
N ALA B 231 9.39 -23.55 -29.06
CA ALA B 231 10.73 -24.01 -28.76
C ALA B 231 10.75 -25.51 -28.69
N ILE B 232 11.87 -26.15 -29.01
CA ILE B 232 11.85 -27.62 -29.07
C ILE B 232 12.48 -28.40 -27.91
N ALA B 233 13.68 -28.02 -27.46
CA ALA B 233 14.27 -28.71 -26.31
C ALA B 233 14.59 -27.74 -25.20
N GLU B 234 14.28 -28.14 -23.98
CA GLU B 234 14.50 -27.26 -22.85
C GLU B 234 15.94 -26.85 -22.69
N GLN B 235 16.89 -27.76 -22.94
CA GLN B 235 18.25 -27.26 -22.75
C GLN B 235 18.61 -26.23 -23.82
N GLN B 236 18.22 -26.46 -25.07
CA GLN B 236 18.45 -25.47 -26.13
C GLN B 236 17.67 -24.19 -25.81
N LEU B 237 16.39 -24.33 -25.44
CA LEU B 237 15.59 -23.17 -25.07
C LEU B 237 16.24 -22.38 -23.94
N ILE B 238 16.64 -23.08 -22.86
CA ILE B 238 17.30 -22.38 -21.74
C ILE B 238 18.53 -21.63 -22.24
N MET B 239 19.37 -22.27 -23.07
CA MET B 239 20.52 -21.57 -23.59
C MET B 239 20.11 -20.38 -24.48
N ALA B 240 19.04 -20.54 -25.27
CA ALA B 240 18.51 -19.44 -26.06
C ALA B 240 18.12 -18.26 -25.16
N ILE B 241 17.44 -18.52 -24.05
CA ILE B 241 17.01 -17.45 -23.15
C ILE B 241 18.20 -16.76 -22.49
N LYS B 242 19.21 -17.52 -22.06
CA LYS B 242 20.41 -16.92 -21.48
C LYS B 242 21.14 -16.01 -22.48
N SER B 243 21.09 -16.34 -23.77
CA SER B 243 21.64 -15.54 -24.86
C SER B 243 20.74 -14.34 -25.23
N GLY B 244 19.61 -14.13 -24.55
CA GLY B 244 18.69 -13.03 -24.82
C GLY B 244 17.41 -13.31 -25.58
N ASN B 245 17.10 -14.57 -25.90
CA ASN B 245 15.80 -14.87 -26.48
C ASN B 245 14.71 -14.54 -25.44
N ARG B 246 13.58 -14.00 -25.91
CA ARG B 246 12.44 -13.61 -25.09
C ARG B 246 11.13 -14.06 -25.72
N PRO B 247 10.02 -14.09 -24.97
CA PRO B 247 8.73 -14.37 -25.58
C PRO B 247 8.40 -13.45 -26.75
N ASP B 248 7.76 -14.03 -27.76
CA ASP B 248 7.51 -13.34 -29.02
C ASP B 248 6.45 -12.26 -28.82
N VAL B 249 6.80 -11.00 -28.99
CA VAL B 249 5.80 -9.96 -28.77
C VAL B 249 4.76 -9.98 -29.90
N ASP B 250 5.14 -10.46 -31.07
CA ASP B 250 4.23 -10.50 -32.20
C ASP B 250 3.12 -11.51 -32.01
N ASP B 251 3.31 -12.44 -31.10
CA ASP B 251 2.33 -13.48 -30.91
C ASP B 251 1.25 -13.05 -29.95
N ILE B 252 1.20 -11.77 -29.67
CA ILE B 252 0.13 -11.25 -28.86
C ILE B 252 -0.86 -10.73 -29.87
N THR B 253 -2.02 -11.34 -29.94
CA THR B 253 -3.03 -10.96 -30.93
C THR B 253 -3.92 -9.79 -30.54
N GLU B 254 -4.30 -9.73 -29.28
CA GLU B 254 -5.18 -8.68 -28.84
C GLU B 254 -4.42 -7.39 -28.75
N TYR B 255 -5.12 -6.30 -28.50
CA TYR B 255 -4.47 -5.01 -28.42
C TYR B 255 -3.68 -4.86 -27.13
N CYS B 256 -2.38 -4.64 -27.27
CA CYS B 256 -1.56 -4.41 -26.10
C CYS B 256 -1.00 -3.02 -26.18
N PRO B 257 -1.37 -2.20 -25.21
CA PRO B 257 -0.84 -0.81 -25.17
C PRO B 257 0.68 -0.72 -25.29
N ARG B 258 1.12 0.32 -25.99
CA ARG B 258 2.54 0.53 -26.28
C ARG B 258 3.36 0.72 -25.00
N GLU B 259 2.77 1.34 -23.98
CA GLU B 259 3.40 1.49 -22.67
C GLU B 259 3.74 0.15 -22.05
N ILE B 260 2.81 -0.81 -22.18
CA ILE B 260 2.99 -2.15 -21.63
C ILE B 260 4.03 -2.95 -22.42
N ILE B 261 4.02 -2.85 -23.75
CA ILE B 261 5.07 -3.53 -24.52
C ILE B 261 6.44 -3.00 -24.08
N SER B 262 6.52 -1.68 -23.90
CA SER B 262 7.72 -1.01 -23.44
C SER B 262 8.15 -1.44 -22.04
N LEU B 263 7.19 -1.50 -21.10
CA LEU B 263 7.49 -1.94 -19.73
C LEU B 263 7.99 -3.37 -19.69
N MET B 264 7.31 -4.25 -20.42
CA MET B 264 7.70 -5.64 -20.51
C MET B 264 9.15 -5.79 -20.98
N LYS B 265 9.52 -5.06 -22.03
CA LYS B 265 10.90 -5.08 -22.55
C LYS B 265 11.94 -4.58 -21.53
N LEU B 266 11.60 -3.58 -20.74
CA LEU B 266 12.54 -3.07 -19.76
C LEU B 266 12.75 -4.06 -18.64
N CYS B 267 11.66 -4.63 -18.17
CA CYS B 267 11.72 -5.54 -17.05
C CYS B 267 12.35 -6.90 -17.40
N TRP B 268 12.49 -7.23 -18.67
CA TRP B 268 13.16 -8.48 -19.01
C TRP B 268 14.56 -8.28 -19.57
N GLU B 269 15.15 -7.14 -19.29
CA GLU B 269 16.53 -6.90 -19.70
C GLU B 269 17.48 -7.91 -19.09
N ALA B 270 18.44 -8.37 -19.87
CA ALA B 270 19.36 -9.38 -19.39
C ALA B 270 20.17 -8.95 -18.20
N ASN B 271 20.71 -7.75 -18.25
CA ASN B 271 21.43 -7.25 -17.09
C ASN B 271 20.42 -6.85 -16.03
N PRO B 272 20.47 -7.47 -14.84
CA PRO B 272 19.53 -7.12 -13.74
C PRO B 272 19.51 -5.67 -13.31
N GLU B 273 20.62 -4.94 -13.41
CA GLU B 273 20.63 -3.52 -13.02
C GLU B 273 19.90 -2.62 -14.01
N ALA B 274 19.66 -3.06 -15.24
CA ALA B 274 18.84 -2.25 -16.13
C ALA B 274 17.35 -2.35 -15.82
N ARG B 275 16.92 -3.38 -15.07
CA ARG B 275 15.51 -3.55 -14.71
C ARG B 275 15.09 -2.56 -13.63
N PRO B 276 13.89 -1.97 -13.75
CA PRO B 276 13.37 -1.08 -12.69
C PRO B 276 13.01 -1.82 -11.40
N THR B 277 12.82 -1.04 -10.32
CA THR B 277 12.20 -1.60 -9.11
C THR B 277 10.68 -1.53 -9.19
N PHE B 278 10.01 -2.38 -8.41
CA PHE B 278 8.55 -2.30 -8.34
C PHE B 278 8.01 -0.94 -7.92
N PRO B 279 8.60 -0.24 -6.94
CA PRO B 279 8.16 1.16 -6.67
C PRO B 279 8.28 2.14 -7.84
N GLY B 280 9.34 2.04 -8.65
CA GLY B 280 9.43 2.85 -9.84
C GLY B 280 8.50 2.40 -10.96
N ILE B 281 8.18 1.10 -11.00
CA ILE B 281 7.19 0.60 -11.95
C ILE B 281 5.80 1.12 -11.58
N GLU B 282 5.44 1.08 -10.29
CA GLU B 282 4.15 1.61 -9.84
C GLU B 282 3.99 3.09 -10.18
N GLU B 283 5.01 3.88 -9.90
CA GLU B 283 4.97 5.31 -10.20
C GLU B 283 4.74 5.59 -11.68
N LYS B 284 5.32 4.77 -12.56
CA LYS B 284 5.13 4.95 -14.01
C LYS B 284 3.79 4.37 -14.48
N PHE B 285 3.39 3.23 -13.93
CA PHE B 285 2.23 2.53 -14.46
C PHE B 285 0.90 3.09 -13.92
N ARG B 286 0.83 3.50 -12.64
CA ARG B 286 -0.45 3.91 -12.06
C ARG B 286 -1.10 5.06 -12.83
N PRO B 287 -0.41 6.16 -13.18
CA PRO B 287 -1.06 7.24 -13.99
C PRO B 287 -1.57 6.77 -15.34
N PHE B 288 -0.82 5.89 -15.99
CA PHE B 288 -1.26 5.33 -17.26
C PHE B 288 -2.54 4.52 -17.07
N TYR B 289 -2.58 3.69 -16.04
CA TYR B 289 -3.78 2.92 -15.76
C TYR B 289 -4.98 3.83 -15.58
N LEU B 290 -4.86 4.85 -14.73
CA LEU B 290 -5.97 5.76 -14.44
C LEU B 290 -6.43 6.55 -15.67
N SER B 291 -5.51 6.95 -16.56
CA SER B 291 -5.92 7.79 -17.69
C SER B 291 -6.35 6.99 -18.93
N GLN B 292 -5.92 5.75 -19.07
CA GLN B 292 -6.22 5.05 -20.31
C GLN B 292 -6.82 3.67 -20.23
N LEU B 293 -6.78 3.04 -19.06
CA LEU B 293 -7.27 1.70 -18.97
C LEU B 293 -8.41 1.59 -17.98
N GLU B 294 -8.36 2.36 -16.92
CA GLU B 294 -9.37 2.24 -15.87
C GLU B 294 -10.76 2.45 -16.38
C7 O4U C . -1.75 21.99 -2.08
C6 O4U C . -0.62 21.23 -1.78
C1 O4U C . -3.45 23.74 -1.56
C5 O4U C . 0.01 21.40 -0.56
C4 O4U C . -0.46 22.34 0.35
C3 O4U C . -1.59 23.10 0.05
C2 O4U C . -2.23 22.92 -1.17
C17 O4U C . 1.09 19.84 -1.76
C20 O4U C . -5.18 25.38 -1.04
C27 O4U C . 1.96 20.32 0.33
C28 O4U C . 2.38 19.03 0.61
C29 O4U C . 3.34 18.74 1.56
C30 O4U C . 3.93 19.76 2.27
C31 O4U C . 3.55 21.08 2.03
C32 O4U C . 2.58 21.33 1.06
C33 O4U C . 4.97 19.44 3.33
C35 O4U C . 4.77 17.08 3.92
C37 O4U C . 5.35 15.72 3.77
C40 O4U C . 5.76 13.50 4.03
C41 O4U C . 4.96 14.56 4.48
C42 O4U C . 5.78 12.06 4.50
C43 O4U C . 4.88 11.86 5.70
C44 O4U C . 5.44 11.74 6.98
C45 O4U C . 4.61 11.54 8.10
C46 O4U C . 3.23 11.46 7.93
C47 O4U C . 2.68 11.59 6.65
C48 O4U C . 3.50 11.79 5.54
C49 O4U C . 7.61 13.40 2.22
N14 O4U C . 0.04 20.27 -2.48
N16 O4U C . 1.04 20.54 -0.63
N18 O4U C . -3.95 24.66 -0.73
N34 O4U C . 5.38 18.06 3.25
N38 O4U C . 6.33 15.38 2.90
N39 O4U C . 6.56 14.00 3.08
O19 O4U C . -3.95 23.55 -2.68
O36 O4U C . 3.77 17.27 4.61
C7 O4U D . -7.72 -21.50 -4.51
C6 O4U D . -6.97 -21.08 -3.43
C1 O4U D . -8.00 -22.90 -6.57
C5 O4U D . -5.69 -21.59 -3.23
C4 O4U D . -5.15 -22.52 -4.11
C3 O4U D . -5.91 -22.94 -5.19
C2 O4U D . -7.19 -22.43 -5.40
C17 O4U D . -6.17 -20.14 -1.61
C20 O4U D . -8.40 -24.68 -8.16
C27 O4U D . -4.10 -21.18 -1.56
C28 O4U D . -3.49 -22.42 -1.47
C29 O4U D . -2.24 -22.61 -0.87
C30 O4U D . -1.57 -21.53 -0.35
C31 O4U D . -2.14 -20.27 -0.44
C32 O4U D . -3.37 -20.12 -1.03
C33 O4U D . -0.22 -21.71 0.28
C35 O4U D . 0.77 -19.52 0.44
C37 O4U D . 1.09 -18.31 1.24
C40 O4U D . 1.95 -16.36 1.92
C41 O4U D . 1.96 -17.29 0.89
C42 O4U D . 2.73 -15.08 2.02
C43 O4U D . 3.62 -14.87 0.82
C44 O4U D . 4.99 -15.02 0.94
C45 O4U D . 5.80 -14.84 -0.15
C46 O4U D . 5.24 -14.51 -1.38
C47 O4U D . 3.87 -14.36 -1.51
C48 O4U D . 3.06 -14.55 -0.40
C49 O4U D . 0.68 -16.32 4.16
N14 O4U D . -7.23 -20.21 -2.43
N16 O4U D . -5.29 -20.98 -2.14
N18 O4U D . -7.53 -23.89 -7.31
N34 O4U D . 0.12 -20.51 1.02
N38 O4U D . 0.57 -18.04 2.44
N39 O4U D . 1.12 -16.82 2.83
O19 O4U D . -9.07 -22.38 -6.80
O36 O4U D . 1.07 -19.55 -0.74
#